data_7U3U
#
_entry.id   7U3U
#
_cell.length_a   67.156
_cell.length_b   69.165
_cell.length_c   99.464
_cell.angle_alpha   107.840
_cell.angle_beta   96.453
_cell.angle_gamma   97.028
#
_symmetry.space_group_name_H-M   'P 1'
#
loop_
_entity.id
_entity.type
_entity.pdbx_description
1 polymer "DNA (5'-D(*AP*AP*CP*CP*TP*AP*CP*TP*TP*GP*GP*CP*AP*GP*GP*AP*CP*GP*AP*CP*T)-3')"
2 polymer "DNA (5'-D(*TP*CP*TP*GP*AP*TP*GP*TP*GP*GP*TP*AP*GP*G)-3')"
3 polymer "DNA (5'-D(*TP*TP*AP*GP*TP*CP*GP*TP*GP*GP*CP*TP*CP*G)-3')"
4 polymer "DNA (5'-D(*CP*AP*CP*GP*AP*GP*CP*CP*TP*GP*AP*TP*CP*GP*GP*AP*CP*AP*AP*GP*A)-3')"
5 polymer "DNA (5'-D(*TP*GP*TP*CP*TP*TP*GP*TP*GP*GP*TP*CP*GP*C)-3')"
6 polymer "DNA (5'-D(*AP*CP*GP*CP*GP*AP*CP*CP*TP*GP*TP*AP*CP*GP*GP*AP*CP*AP*TP*CP*A)-3')"
7 polymer "DNA (5'-D(*GP*AP*CP*TP*CP*TP*GP*CP*TP*A)-3')"
8 polymer "DNA (5'-D(P*GP*TP*TP*AP*GP*CP*AP*GP*AP*G)-3')"
9 polymer "DNA (5'-D(P*AP*CP*AP*CP*CP*GP*AP*TP*CP*AP*CP*CP*TP*GP*CP*CP*AP*CP*CP*GP*T)-3')"
#
loop_
_entity_poly.entity_id
_entity_poly.type
_entity_poly.pdbx_seq_one_letter_code
_entity_poly.pdbx_strand_id
1 'polydeoxyribonucleotide'
;(DA)(DA)(DC)(DC)(DT)(DA)(DC)(DT)(DT)(DG)(DG)(DC)(DA)(DG)(DG)(DA)(DC)(DG)(DA)(DC)
(DT)
;
A
2 'polydeoxyribonucleotide' (DT)(DC)(DT)(DG)(DA)(DT)(DG)(DT)(DG)(DG)(DT)(DA)(DG)(DG) C
3 'polydeoxyribonucleotide' (DT)(DT)(DA)(DG)(DT)(DC)(DG)(DT)(DG)(DG)(DC)(DT)(DC)(DG) D
4 'polydeoxyribonucleotide'
;(DC)(DA)(DC)(DG)(DA)(DG)(DC)(DC)(DT)(DG)(DA)(DT)(DC)(DG)(DG)(DA)(DC)(DA)(DA)(DG)
(DA)
;
E
5 'polydeoxyribonucleotide' (DT)(DG)(DT)(DC)(DT)(DT)(DG)(DT)(DG)(DG)(DT)(DC)(DG)(DC) H
6 'polydeoxyribonucleotide'
;(DA)(DC)(DG)(DC)(DG)(DA)(DC)(DC)(DT)(DG)(DT)(DA)(DC)(DG)(DG)(DA)(DC)(DA)(DT)(DC)
(DA)
;
I
7 'polydeoxyribonucleotide' (DG)(DA)(DC)(DT)(DC)(DT)(DG)(DC)(DT)(DA) Y
8 'polydeoxyribonucleotide' (DG)(DT)(DT)(DA)(DG)(DC)(DA)(DG)(DA)(DG) X
9 'polydeoxyribonucleotide'
;(DA)(DC)(DA)(DC)(DC)(DG)(DA)(DT)(DC)(DA)(DC)(DC)(DT)(DG)(DC)(DC)(DA)(DC)(DC)(DG)
(DT)
;
M
#
loop_
_chem_comp.id
_chem_comp.type
_chem_comp.name
_chem_comp.formula
DA DNA linking 2'-DEOXYADENOSINE-5'-MONOPHOSPHATE 'C10 H14 N5 O6 P'
DC DNA linking 2'-DEOXYCYTIDINE-5'-MONOPHOSPHATE 'C9 H14 N3 O7 P'
DG DNA linking 2'-DEOXYGUANOSINE-5'-MONOPHOSPHATE 'C10 H14 N5 O7 P'
DT DNA linking THYMIDINE-5'-MONOPHOSPHATE 'C10 H15 N2 O8 P'
#